data_8GII
#
_entry.id   8GII
#
_cell.length_a   50.919
_cell.length_b   51.117
_cell.length_c   56.890
_cell.angle_alpha   78.66
_cell.angle_beta   84.90
_cell.angle_gamma   64.87
#
_symmetry.space_group_name_H-M   'P 1'
#
loop_
_entity.id
_entity.type
_entity.pdbx_description
1 polymer 'TEM-1 Variant 80.a'
2 non-polymer '2-(N-MORPHOLINO)-ETHANESULFONIC ACID'
3 water water
#
_entity_poly.entity_id   1
_entity_poly.type   'polypeptide(L)'
_entity_poly.pdbx_seq_one_letter_code
;HPETLVTVKRIEDQLGGRLGYAELDLGSGQVLESYRGDERFPMMSTFKVLLCGAVLARVDAGQEQLDRRITYTKADLVTY
SPVTEKHVGDGMTVAELCEAAITMSDNTAANLLLTTIGGPEALTAFLRSIGDTTTRLDRWETELNEALPGDPRDTTTPEA
MAATLRKLLLGDVLTPASRQQLIDWMEADKVAGPLIRSALPAGWRIADKTGAGERGSRGIIALLGPPGKAPRIVVIYLTG
SKADMAERNKAIAEIGAALIKHW
;
_entity_poly.pdbx_strand_id   A,B
#
loop_
_chem_comp.id
_chem_comp.type
_chem_comp.name
_chem_comp.formula
MES non-polymer '2-(N-MORPHOLINO)-ETHANESULFONIC ACID' 'C6 H13 N O4 S'
#
# COMPACT_ATOMS: atom_id res chain seq x y z
N GLU A 3 0.70 6.40 30.16
CA GLU A 3 1.14 5.20 29.44
C GLU A 3 1.41 5.50 27.97
N THR A 4 0.65 6.43 27.36
CA THR A 4 0.92 6.74 25.96
C THR A 4 2.33 7.30 25.78
N LEU A 5 2.76 8.19 26.68
CA LEU A 5 4.11 8.75 26.59
C LEU A 5 5.17 7.69 26.84
N VAL A 6 4.86 6.67 27.64
CA VAL A 6 5.78 5.55 27.83
C VAL A 6 5.91 4.76 26.52
N THR A 7 4.78 4.49 25.87
CA THR A 7 4.82 3.80 24.58
C THR A 7 5.64 4.59 23.57
N VAL A 8 5.48 5.91 23.53
CA VAL A 8 6.21 6.71 22.56
C VAL A 8 7.70 6.57 22.79
N LYS A 9 8.12 6.67 24.05
CA LYS A 9 9.56 6.59 24.35
C LYS A 9 10.10 5.20 24.01
N ARG A 10 9.30 4.16 24.21
CA ARG A 10 9.78 2.81 23.92
C ARG A 10 9.95 2.60 22.43
N ILE A 11 9.02 3.14 21.62
CA ILE A 11 9.15 3.07 20.17
C ILE A 11 10.37 3.86 19.72
N GLU A 12 10.57 5.05 20.26
CA GLU A 12 11.73 5.83 19.88
C GLU A 12 13.02 5.10 20.28
N ASP A 13 13.01 4.46 21.44
CA ASP A 13 14.15 3.63 21.82
C ASP A 13 14.37 2.53 20.77
N GLN A 14 13.28 1.90 20.32
CA GLN A 14 13.33 0.73 19.45
C GLN A 14 13.72 1.07 18.02
N LEU A 15 13.13 2.12 17.44
CA LEU A 15 13.41 2.47 16.05
C LEU A 15 14.66 3.31 15.89
N GLY A 16 15.10 4.02 16.93
CA GLY A 16 16.14 5.01 16.74
C GLY A 16 15.56 6.30 16.17
N GLY A 17 16.43 7.27 15.95
CA GLY A 17 15.92 8.57 15.54
C GLY A 17 15.13 9.27 16.65
N ARG A 18 14.19 10.13 16.23
CA ARG A 18 13.43 10.97 17.14
C ARG A 18 11.94 10.79 16.87
N LEU A 19 11.14 10.83 17.95
CA LEU A 19 9.69 10.82 17.87
C LEU A 19 9.17 12.13 18.43
N GLY A 20 8.11 12.66 17.81
CA GLY A 20 7.46 13.84 18.33
C GLY A 20 5.96 13.63 18.35
N TYR A 21 5.27 14.17 19.35
CA TYR A 21 3.88 13.83 19.55
C TYR A 21 3.23 14.98 20.28
N ALA A 22 2.00 15.31 19.89
CA ALA A 22 1.21 16.31 20.58
C ALA A 22 -0.25 15.93 20.41
N GLU A 23 -1.00 16.03 21.50
CA GLU A 23 -2.43 15.77 21.50
C GLU A 23 -3.11 16.99 22.09
N LEU A 24 -4.06 17.54 21.36
CA LEU A 24 -4.62 18.85 21.67
C LEU A 24 -6.08 18.71 22.04
N ASP A 25 -6.48 19.38 23.12
CA ASP A 25 -7.89 19.51 23.43
C ASP A 25 -8.44 20.70 22.64
N LEU A 26 -9.61 20.51 22.03
CA LEU A 26 -10.11 21.47 21.06
C LEU A 26 -10.89 22.61 21.70
N GLY A 27 -11.57 22.37 22.82
CA GLY A 27 -12.28 23.46 23.47
C GLY A 27 -11.35 24.57 23.90
N SER A 28 -10.26 24.21 24.58
CA SER A 28 -9.29 25.17 25.08
C SER A 28 -8.08 25.34 24.19
N GLY A 29 -7.78 24.38 23.33
CA GLY A 29 -6.53 24.41 22.62
C GLY A 29 -5.32 24.10 23.48
N GLN A 30 -5.53 23.55 24.67
CA GLN A 30 -4.37 23.25 25.50
C GLN A 30 -3.88 21.84 25.21
N VAL A 31 -2.55 21.69 25.32
CA VAL A 31 -1.86 20.44 25.03
C VAL A 31 -2.19 19.47 26.16
N LEU A 32 -2.79 18.34 25.80
CA LEU A 32 -3.07 17.33 26.82
C LEU A 32 -1.81 16.56 27.17
N GLU A 33 -0.98 16.30 26.17
CA GLU A 33 0.29 15.63 26.39
C GLU A 33 1.10 15.80 25.12
N SER A 34 2.41 15.70 25.28
CA SER A 34 3.28 15.85 24.13
C SER A 34 4.61 15.21 24.45
N TYR A 35 5.36 14.90 23.40
CA TYR A 35 6.68 14.31 23.52
C TYR A 35 7.55 14.98 22.48
N ARG A 36 8.64 15.58 22.93
CA ARG A 36 9.47 16.43 22.09
C ARG A 36 8.62 17.46 21.36
N GLY A 37 7.65 18.03 22.09
CA GLY A 37 6.60 18.84 21.50
C GLY A 37 7.07 20.17 20.92
N ASP A 38 8.23 20.67 21.38
CA ASP A 38 8.79 21.89 20.82
C ASP A 38 10.07 21.63 20.01
N GLU A 39 10.32 20.39 19.60
CA GLU A 39 11.44 20.12 18.71
C GLU A 39 10.97 20.12 17.26
N ARG A 40 11.84 20.55 16.36
CA ARG A 40 11.51 20.61 14.95
C ARG A 40 11.58 19.24 14.30
N PHE A 41 10.62 18.98 13.39
CA PHE A 41 10.54 17.76 12.60
C PHE A 41 10.21 18.15 11.16
N PRO A 42 10.74 17.45 10.16
CA PRO A 42 10.28 17.71 8.78
C PRO A 42 8.79 17.39 8.66
N MET A 43 8.05 18.30 8.01
CA MET A 43 6.63 18.08 7.81
C MET A 43 6.34 17.04 6.75
N MET A 44 7.18 16.92 5.73
CA MET A 44 6.85 16.09 4.59
C MET A 44 5.47 16.52 4.08
N SER A 45 4.68 15.58 3.56
CA SER A 45 3.42 15.94 2.92
C SER A 45 2.36 16.43 3.90
N THR A 46 2.60 16.39 5.22
CA THR A 46 1.61 16.97 6.11
C THR A 46 1.47 18.47 5.88
N PHE A 47 2.49 19.12 5.26
CA PHE A 47 2.32 20.53 4.89
C PHE A 47 1.19 20.74 3.91
N LYS A 48 0.78 19.71 3.19
CA LYS A 48 -0.22 19.89 2.13
C LYS A 48 -1.57 20.37 2.67
N VAL A 49 -1.88 20.06 3.95
CA VAL A 49 -3.09 20.60 4.57
C VAL A 49 -2.96 22.12 4.77
N LEU A 50 -1.78 22.58 5.20
CA LEU A 50 -1.56 24.01 5.34
C LEU A 50 -1.62 24.71 3.99
N LEU A 51 -1.04 24.07 2.98
CA LEU A 51 -1.11 24.59 1.63
C LEU A 51 -2.55 24.78 1.19
N CYS A 52 -3.38 23.76 1.38
CA CYS A 52 -4.76 23.89 0.92
C CYS A 52 -5.52 24.92 1.74
N GLY A 53 -5.15 25.09 3.01
CA GLY A 53 -5.71 26.19 3.80
C GLY A 53 -5.37 27.55 3.22
N ALA A 54 -4.12 27.72 2.79
CA ALA A 54 -3.72 28.97 2.13
C ALA A 54 -4.51 29.18 0.85
N VAL A 55 -4.71 28.12 0.07
CA VAL A 55 -5.53 28.25 -1.15
C VAL A 55 -6.95 28.66 -0.78
N LEU A 56 -7.58 27.92 0.14
CA LEU A 56 -8.95 28.23 0.54
C LEU A 56 -9.07 29.65 1.09
N ALA A 57 -8.04 30.12 1.81
CA ALA A 57 -8.06 31.50 2.30
C ALA A 57 -8.16 32.48 1.13
N ARG A 58 -7.45 32.21 0.03
CA ARG A 58 -7.55 33.05 -1.16
C ARG A 58 -8.91 32.89 -1.84
N VAL A 59 -9.45 31.67 -1.85
CA VAL A 59 -10.82 31.48 -2.31
C VAL A 59 -11.77 32.35 -1.48
N ASP A 60 -11.62 32.31 -0.16
CA ASP A 60 -12.52 33.09 0.70
C ASP A 60 -12.43 34.58 0.38
N ALA A 61 -11.25 35.06 0.00
CA ALA A 61 -11.04 36.49 -0.20
C ALA A 61 -11.33 36.92 -1.63
N GLY A 62 -11.89 36.04 -2.46
CA GLY A 62 -12.14 36.35 -3.85
C GLY A 62 -10.93 36.32 -4.74
N GLN A 63 -9.77 35.93 -4.21
CA GLN A 63 -8.52 35.91 -4.96
C GLN A 63 -8.34 34.64 -5.79
N GLU A 64 -9.22 33.65 -5.64
CA GLU A 64 -9.05 32.37 -6.29
C GLU A 64 -10.42 31.70 -6.40
N GLN A 65 -10.57 30.81 -7.38
CA GLN A 65 -11.80 30.07 -7.60
C GLN A 65 -11.50 28.57 -7.56
N LEU A 66 -12.37 27.81 -6.89
CA LEU A 66 -12.17 26.38 -6.79
C LEU A 66 -12.27 25.69 -8.15
N ASP A 67 -13.01 26.28 -9.09
CA ASP A 67 -13.21 25.66 -10.40
C ASP A 67 -12.30 26.21 -11.49
N ARG A 68 -11.32 27.05 -11.13
CA ARG A 68 -10.38 27.52 -12.14
C ARG A 68 -9.45 26.40 -12.58
N ARG A 69 -9.29 26.24 -13.89
CA ARG A 69 -8.53 25.13 -14.45
C ARG A 69 -7.07 25.51 -14.61
N ILE A 70 -6.19 24.69 -14.05
CA ILE A 70 -4.73 24.85 -14.18
C ILE A 70 -4.27 23.90 -15.27
N THR A 71 -3.55 24.43 -16.26
CA THR A 71 -2.96 23.62 -17.31
C THR A 71 -1.48 23.41 -17.02
N TYR A 72 -0.98 22.23 -17.37
CA TYR A 72 0.40 21.86 -17.08
C TYR A 72 0.81 20.80 -18.09
N THR A 73 2.11 20.52 -18.14
CA THR A 73 2.61 19.55 -19.09
C THR A 73 3.32 18.41 -18.35
N LYS A 74 3.75 17.43 -19.13
CA LYS A 74 4.50 16.30 -18.57
C LYS A 74 5.79 16.76 -17.92
N ALA A 75 6.33 17.91 -18.36
CA ALA A 75 7.59 18.39 -17.80
C ALA A 75 7.43 18.92 -16.39
N ASP A 76 6.20 19.21 -15.97
CA ASP A 76 5.93 19.70 -14.63
C ASP A 76 5.76 18.58 -13.62
N LEU A 77 5.75 17.33 -14.07
CA LEU A 77 5.51 16.20 -13.18
C LEU A 77 6.78 15.88 -12.39
N VAL A 78 6.63 15.72 -11.09
CA VAL A 78 7.69 15.19 -10.25
C VAL A 78 7.29 13.79 -9.81
N THR A 79 8.23 13.10 -9.15
CA THR A 79 7.98 11.77 -8.62
C THR A 79 6.72 11.72 -7.76
N TYR A 80 5.98 10.61 -7.89
CA TYR A 80 4.73 10.33 -7.18
C TYR A 80 3.65 11.37 -7.50
N SER A 81 3.07 11.26 -8.68
CA SER A 81 1.98 12.12 -9.12
C SER A 81 0.86 11.25 -9.67
N PRO A 82 0.27 10.39 -8.82
CA PRO A 82 -0.69 9.40 -9.32
C PRO A 82 -1.91 9.99 -10.02
N VAL A 83 -2.34 11.19 -9.65
CA VAL A 83 -3.54 11.78 -10.24
C VAL A 83 -3.18 12.78 -11.33
N THR A 84 -2.23 13.67 -11.07
CA THR A 84 -1.91 14.70 -12.05
C THR A 84 -1.30 14.11 -13.31
N GLU A 85 -0.64 12.95 -13.20
CA GLU A 85 -0.04 12.34 -14.39
C GLU A 85 -1.11 11.86 -15.38
N LYS A 86 -2.36 11.69 -14.93
CA LYS A 86 -3.45 11.28 -15.79
C LYS A 86 -4.15 12.45 -16.47
N HIS A 87 -3.79 13.70 -16.14
CA HIS A 87 -4.54 14.85 -16.62
C HIS A 87 -3.64 15.90 -17.26
N VAL A 88 -2.43 15.50 -17.67
CA VAL A 88 -1.58 16.42 -18.39
C VAL A 88 -2.33 17.02 -19.58
N GLY A 89 -3.25 16.26 -20.16
CA GLY A 89 -3.98 16.71 -21.32
C GLY A 89 -5.08 17.72 -21.03
N ASP A 90 -6.01 17.36 -20.14
CA ASP A 90 -7.17 18.21 -19.87
C ASP A 90 -6.97 19.18 -18.71
N GLY A 91 -5.81 19.20 -18.06
CA GLY A 91 -5.59 20.05 -16.90
C GLY A 91 -6.45 19.65 -15.72
N MET A 92 -6.39 20.39 -14.60
CA MET A 92 -7.25 20.11 -13.45
C MET A 92 -7.65 21.41 -12.79
N THR A 93 -8.80 21.39 -12.10
CA THR A 93 -9.21 22.59 -11.38
C THR A 93 -8.43 22.71 -10.07
N VAL A 94 -8.47 23.91 -9.48
CA VAL A 94 -7.88 24.14 -8.15
C VAL A 94 -8.44 23.14 -7.14
N ALA A 95 -9.76 22.91 -7.15
CA ALA A 95 -10.35 21.98 -6.19
C ALA A 95 -9.87 20.54 -6.42
N GLU A 96 -9.77 20.13 -7.68
CA GLU A 96 -9.29 18.78 -7.97
C GLU A 96 -7.84 18.61 -7.55
N LEU A 97 -7.03 19.67 -7.66
CA LEU A 97 -5.63 19.59 -7.26
C LEU A 97 -5.51 19.48 -5.75
N CYS A 98 -6.31 20.26 -5.01
CA CYS A 98 -6.34 20.12 -3.55
C CYS A 98 -6.74 18.70 -3.14
N GLU A 99 -7.81 18.18 -3.74
CA GLU A 99 -8.28 16.84 -3.45
C GLU A 99 -7.20 15.81 -3.74
N ALA A 100 -6.47 15.97 -4.86
CA ALA A 100 -5.34 15.10 -5.14
C ALA A 100 -4.22 15.25 -4.11
N ALA A 101 -3.85 16.50 -3.78
CA ALA A 101 -2.77 16.72 -2.84
C ALA A 101 -3.06 16.12 -1.47
N ILE A 102 -4.28 16.28 -0.97
CA ILE A 102 -4.62 15.80 0.37
C ILE A 102 -4.93 14.31 0.36
N THR A 103 -5.77 13.87 -0.58
CA THR A 103 -6.35 12.54 -0.57
C THR A 103 -5.36 11.49 -1.06
N MET A 104 -4.55 11.81 -2.08
CA MET A 104 -3.54 10.88 -2.54
C MET A 104 -2.11 11.34 -2.26
N SER A 105 -1.91 12.55 -1.77
CA SER A 105 -0.60 13.12 -1.53
C SER A 105 0.17 13.31 -2.84
N ASP A 106 -0.56 13.66 -3.90
CA ASP A 106 0.03 13.91 -5.21
C ASP A 106 1.02 15.06 -5.15
N ASN A 107 2.26 14.80 -5.60
CA ASN A 107 3.32 15.79 -5.41
C ASN A 107 3.24 16.94 -6.41
N THR A 108 2.95 16.64 -7.68
CA THR A 108 2.80 17.72 -8.65
C THR A 108 1.61 18.61 -8.30
N ALA A 109 0.51 18.01 -7.85
CA ALA A 109 -0.62 18.80 -7.39
C ALA A 109 -0.19 19.85 -6.36
N ALA A 110 0.66 19.45 -5.41
CA ALA A 110 1.12 20.42 -4.41
C ALA A 110 1.99 21.52 -5.02
N ASN A 111 2.89 21.14 -5.93
CA ASN A 111 3.72 22.15 -6.59
C ASN A 111 2.86 23.12 -7.40
N LEU A 112 1.88 22.58 -8.11
CA LEU A 112 0.97 23.42 -8.89
C LEU A 112 0.24 24.40 -7.97
N LEU A 113 -0.25 23.93 -6.82
CA LEU A 113 -0.91 24.82 -5.88
C LEU A 113 0.06 25.82 -5.26
N LEU A 114 1.27 25.37 -4.92
CA LEU A 114 2.28 26.29 -4.43
C LEU A 114 2.49 27.46 -5.39
N THR A 115 2.56 27.17 -6.69
CA THR A 115 2.69 28.25 -7.67
C THR A 115 1.53 29.22 -7.57
N THR A 116 0.30 28.72 -7.40
CA THR A 116 -0.85 29.62 -7.37
C THR A 116 -0.76 30.64 -6.24
N ILE A 117 -0.08 30.30 -5.14
CA ILE A 117 -0.06 31.21 -3.99
C ILE A 117 1.23 32.01 -3.90
N GLY A 118 2.24 31.69 -4.70
CA GLY A 118 3.51 32.40 -4.64
C GLY A 118 4.68 31.63 -4.09
N GLY A 119 4.59 30.31 -3.93
CA GLY A 119 5.71 29.50 -3.51
C GLY A 119 5.77 29.21 -2.02
N PRO A 120 6.79 28.44 -1.63
CA PRO A 120 6.96 28.13 -0.21
C PRO A 120 7.04 29.36 0.68
N GLU A 121 7.67 30.44 0.22
CA GLU A 121 7.77 31.65 1.04
C GLU A 121 6.39 32.23 1.33
N ALA A 122 5.48 32.17 0.36
CA ALA A 122 4.12 32.67 0.59
C ALA A 122 3.35 31.79 1.57
N LEU A 123 3.57 30.47 1.53
CA LEU A 123 2.95 29.61 2.53
C LEU A 123 3.41 30.00 3.93
N THR A 124 4.73 30.17 4.10
CA THR A 124 5.25 30.59 5.39
C THR A 124 4.67 31.93 5.82
N ALA A 125 4.50 32.87 4.87
CA ALA A 125 3.92 34.16 5.21
C ALA A 125 2.48 34.03 5.65
N PHE A 126 1.69 33.22 4.93
CA PHE A 126 0.32 32.91 5.36
C PHE A 126 0.30 32.39 6.79
N LEU A 127 1.21 31.48 7.11
CA LEU A 127 1.25 30.92 8.45
C LEU A 127 1.59 31.98 9.49
N ARG A 128 2.55 32.84 9.17
CA ARG A 128 2.87 33.94 10.09
C ARG A 128 1.66 34.83 10.30
N SER A 129 0.89 35.05 9.23
CA SER A 129 -0.28 35.91 9.31
C SER A 129 -1.36 35.37 10.25
N ILE A 130 -1.38 34.07 10.53
CA ILE A 130 -2.40 33.49 11.41
C ILE A 130 -1.81 33.10 12.76
N GLY A 131 -0.58 33.52 13.05
CA GLY A 131 -0.04 33.37 14.39
C GLY A 131 0.89 32.19 14.60
N ASP A 132 1.23 31.46 13.55
CA ASP A 132 2.24 30.42 13.61
C ASP A 132 3.59 31.04 13.28
N THR A 133 4.45 31.17 14.29
CA THR A 133 5.77 31.76 14.13
C THR A 133 6.84 30.70 14.01
N THR A 134 6.47 29.43 13.99
CA THR A 134 7.39 28.30 14.03
C THR A 134 7.49 27.57 12.70
N THR A 135 6.36 27.18 12.12
CA THR A 135 6.37 26.33 10.94
C THR A 135 6.92 27.08 9.74
N ARG A 136 7.66 26.36 8.88
CA ARG A 136 8.24 27.01 7.72
C ARG A 136 8.37 26.02 6.59
N LEU A 137 7.96 26.47 5.40
CA LEU A 137 8.18 25.74 4.16
C LEU A 137 9.17 26.53 3.33
N ASP A 138 10.21 25.85 2.85
CA ASP A 138 11.29 26.50 2.13
C ASP A 138 11.52 25.93 0.74
N ARG A 139 11.18 24.67 0.50
CA ARG A 139 11.48 24.04 -0.79
C ARG A 139 10.19 23.50 -1.42
N TRP A 140 10.33 22.98 -2.63
CA TRP A 140 9.23 22.40 -3.40
C TRP A 140 9.30 20.88 -3.32
N GLU A 141 8.26 20.21 -3.83
CA GLU A 141 8.34 18.75 -4.00
C GLU A 141 9.31 18.43 -5.15
N THR A 142 10.21 17.47 -4.93
CA THR A 142 10.26 16.61 -3.74
C THR A 142 11.42 16.92 -2.77
N GLU A 143 12.17 17.99 -3.01
CA GLU A 143 13.34 18.24 -2.17
C GLU A 143 12.97 18.56 -0.73
N LEU A 144 11.75 19.02 -0.45
CA LEU A 144 11.41 19.32 0.94
C LEU A 144 11.37 18.08 1.83
N ASN A 145 11.46 16.87 1.27
CA ASN A 145 11.44 15.62 2.03
C ASN A 145 12.84 15.14 2.44
N GLU A 146 13.86 15.95 2.24
CA GLU A 146 15.24 15.47 2.40
C GLU A 146 15.54 15.12 3.85
N ALA A 147 14.99 15.88 4.80
CA ALA A 147 15.06 15.53 6.22
C ALA A 147 16.50 15.49 6.74
N LEU A 148 17.33 16.45 6.35
CA LEU A 148 18.70 16.44 6.85
C LEU A 148 18.69 16.69 8.35
N PRO A 149 19.49 15.94 9.13
CA PRO A 149 19.53 16.18 10.57
C PRO A 149 19.86 17.64 10.92
N GLY A 150 19.10 18.18 11.87
CA GLY A 150 19.24 19.55 12.30
C GLY A 150 18.73 20.60 11.33
N ASP A 151 18.39 20.23 10.10
CA ASP A 151 18.00 21.22 9.10
C ASP A 151 16.64 21.83 9.45
N PRO A 152 16.54 23.14 9.65
CA PRO A 152 15.24 23.76 9.96
C PRO A 152 14.33 24.00 8.75
N ARG A 153 14.81 23.84 7.53
CA ARG A 153 13.96 24.05 6.37
C ARG A 153 12.82 23.04 6.38
N ASP A 154 11.64 23.50 5.95
CA ASP A 154 10.47 22.63 5.79
C ASP A 154 10.11 21.87 7.07
N THR A 155 10.18 22.53 8.23
CA THR A 155 9.91 21.87 9.50
C THR A 155 8.77 22.54 10.24
N THR A 156 8.18 21.78 11.15
CA THR A 156 7.28 22.30 12.17
C THR A 156 7.67 21.67 13.50
N THR A 157 6.95 22.05 14.60
CA THR A 157 7.02 21.28 15.83
C THR A 157 5.67 20.62 16.07
N PRO A 158 5.62 19.50 16.79
CA PRO A 158 4.31 18.86 17.02
C PRO A 158 3.29 19.82 17.63
N GLU A 159 3.70 20.60 18.65
CA GLU A 159 2.75 21.53 19.27
C GLU A 159 2.37 22.68 18.34
N ALA A 160 3.31 23.20 17.54
CA ALA A 160 2.94 24.30 16.66
C ALA A 160 2.04 23.82 15.52
N MET A 161 2.29 22.61 15.00
CA MET A 161 1.44 22.09 13.94
C MET A 161 0.04 21.81 14.49
N ALA A 162 -0.04 21.29 15.72
CA ALA A 162 -1.35 21.08 16.35
C ALA A 162 -2.11 22.39 16.49
N ALA A 163 -1.43 23.43 16.98
CA ALA A 163 -2.09 24.72 17.18
C ALA A 163 -2.59 25.29 15.87
N THR A 164 -1.79 25.18 14.80
CA THR A 164 -2.17 25.75 13.52
C THR A 164 -3.32 24.96 12.89
N LEU A 165 -3.30 23.63 13.06
CA LEU A 165 -4.41 22.84 12.54
C LEU A 165 -5.74 23.16 13.24
N ARG A 166 -5.70 23.48 14.54
CA ARG A 166 -6.93 23.87 15.23
C ARG A 166 -7.47 25.17 14.67
N LYS A 167 -6.58 26.15 14.44
CA LYS A 167 -7.02 27.42 13.87
C LYS A 167 -7.67 27.21 12.51
N LEU A 168 -7.09 26.32 11.69
CA LEU A 168 -7.58 26.08 10.33
C LEU A 168 -8.86 25.23 10.32
N LEU A 169 -8.88 24.11 11.05
CA LEU A 169 -9.99 23.17 10.97
C LEU A 169 -11.18 23.57 11.83
N LEU A 170 -10.95 24.33 12.89
CA LEU A 170 -12.01 24.73 13.82
C LEU A 170 -12.08 26.21 14.12
N GLY A 171 -11.00 26.97 13.89
CA GLY A 171 -10.98 28.39 14.16
C GLY A 171 -11.59 29.18 13.02
N ASP A 172 -11.26 30.47 12.97
CA ASP A 172 -11.89 31.38 12.01
C ASP A 172 -10.98 31.78 10.86
N VAL A 173 -9.84 31.12 10.67
CA VAL A 173 -9.00 31.47 9.53
C VAL A 173 -9.81 31.40 8.25
N LEU A 174 -10.61 30.36 8.09
CA LEU A 174 -11.43 30.09 6.93
C LEU A 174 -12.90 30.26 7.29
N THR A 175 -13.72 30.48 6.26
CA THR A 175 -15.16 30.41 6.44
C THR A 175 -15.58 28.98 6.79
N PRO A 176 -16.72 28.82 7.46
CA PRO A 176 -17.21 27.45 7.73
C PRO A 176 -17.26 26.56 6.49
N ALA A 177 -17.74 27.08 5.36
CA ALA A 177 -17.77 26.27 4.14
C ALA A 177 -16.38 25.80 3.74
N SER A 178 -15.39 26.71 3.75
CA SER A 178 -14.04 26.33 3.36
C SER A 178 -13.39 25.44 4.42
N ARG A 179 -13.60 25.77 5.69
CA ARG A 179 -13.14 24.92 6.79
C ARG A 179 -13.60 23.48 6.62
N GLN A 180 -14.89 23.29 6.39
CA GLN A 180 -15.44 21.95 6.19
C GLN A 180 -14.92 21.31 4.90
N GLN A 181 -14.70 22.11 3.85
CA GLN A 181 -14.07 21.56 2.65
C GLN A 181 -12.73 20.93 3.00
N LEU A 182 -11.92 21.63 3.80
CA LEU A 182 -10.61 21.10 4.17
C LEU A 182 -10.76 19.80 4.96
N ILE A 183 -11.65 19.78 5.95
CA ILE A 183 -11.89 18.57 6.72
C ILE A 183 -12.35 17.44 5.83
N ASP A 184 -13.26 17.75 4.89
CA ASP A 184 -13.82 16.72 4.01
C ASP A 184 -12.73 16.08 3.17
N TRP A 185 -11.80 16.88 2.63
CA TRP A 185 -10.70 16.28 1.89
C TRP A 185 -9.87 15.36 2.79
N MET A 186 -9.58 15.80 4.02
CA MET A 186 -8.80 14.99 4.94
C MET A 186 -9.56 13.73 5.36
N GLU A 187 -10.89 13.82 5.47
CA GLU A 187 -11.68 12.62 5.73
C GLU A 187 -11.51 11.60 4.62
N ALA A 188 -11.33 12.08 3.39
CA ALA A 188 -11.25 11.25 2.20
C ALA A 188 -9.83 10.73 1.91
N ASP A 189 -8.87 10.96 2.82
CA ASP A 189 -7.52 10.39 2.72
C ASP A 189 -7.55 8.93 2.31
N LYS A 190 -6.84 8.60 1.22
CA LYS A 190 -6.82 7.23 0.71
C LYS A 190 -5.60 6.43 1.16
N VAL A 191 -4.52 7.09 1.54
CA VAL A 191 -3.22 6.44 1.67
C VAL A 191 -2.76 6.32 3.12
N ALA A 192 -3.65 6.50 4.09
CA ALA A 192 -3.31 6.49 5.51
C ALA A 192 -3.81 5.23 6.22
N GLY A 193 -4.23 4.21 5.48
CA GLY A 193 -4.88 3.06 6.05
C GLY A 193 -4.07 2.38 7.13
N PRO A 194 -2.77 2.14 6.87
CA PRO A 194 -1.96 1.40 7.84
C PRO A 194 -1.55 2.20 9.07
N LEU A 195 -2.02 3.42 9.27
CA LEU A 195 -1.55 4.26 10.36
C LEU A 195 -2.67 4.35 11.41
N ILE A 196 -3.10 5.55 11.81
CA ILE A 196 -4.05 5.61 12.91
C ILE A 196 -5.35 4.93 12.53
N ARG A 197 -5.70 4.95 11.24
CA ARG A 197 -6.96 4.36 10.81
C ARG A 197 -7.01 2.87 11.14
N SER A 198 -5.86 2.18 11.16
CA SER A 198 -5.89 0.74 11.39
C SER A 198 -6.26 0.41 12.84
N ALA A 199 -6.16 1.37 13.75
CA ALA A 199 -6.42 1.17 15.16
C ALA A 199 -7.77 1.72 15.61
N LEU A 200 -8.55 2.29 14.70
CA LEU A 200 -9.76 3.01 15.09
C LEU A 200 -10.87 2.03 15.44
N PRO A 201 -11.51 2.14 16.60
CA PRO A 201 -12.68 1.31 16.88
C PRO A 201 -13.86 1.77 16.03
N ALA A 202 -14.89 0.93 16.00
CA ALA A 202 -16.09 1.26 15.24
C ALA A 202 -16.73 2.54 15.74
N GLY A 203 -17.26 3.32 14.82
CA GLY A 203 -17.94 4.56 15.15
C GLY A 203 -17.05 5.79 15.21
N TRP A 204 -15.74 5.60 15.30
CA TRP A 204 -14.83 6.74 15.35
C TRP A 204 -14.75 7.41 13.98
N ARG A 205 -14.50 8.71 13.99
CA ARG A 205 -14.29 9.46 12.76
C ARG A 205 -12.87 10.01 12.77
N ILE A 206 -12.30 10.18 11.58
CA ILE A 206 -10.95 10.72 11.44
C ILE A 206 -10.86 11.55 10.16
N ALA A 207 -10.11 12.65 10.25
CA ALA A 207 -9.66 13.43 9.11
C ALA A 207 -8.15 13.57 9.26
N ASP A 208 -7.38 13.05 8.29
CA ASP A 208 -5.94 13.01 8.50
C ASP A 208 -5.15 13.28 7.22
N LYS A 209 -3.84 13.39 7.39
CA LYS A 209 -2.90 13.58 6.29
C LYS A 209 -1.57 13.01 6.73
N THR A 210 -0.95 12.21 5.88
CA THR A 210 0.30 11.55 6.20
C THR A 210 1.45 12.25 5.50
N GLY A 211 2.66 11.89 5.90
CA GLY A 211 3.85 12.31 5.19
C GLY A 211 4.91 11.24 5.35
N ALA A 212 5.83 11.21 4.38
CA ALA A 212 6.95 10.30 4.39
C ALA A 212 8.16 11.03 3.83
N GLY A 213 9.35 10.71 4.32
CA GLY A 213 10.51 11.38 3.76
C GLY A 213 11.77 10.55 3.82
N GLU A 214 12.89 11.19 3.53
CA GLU A 214 14.16 10.51 3.62
C GLU A 214 14.53 10.28 5.09
N ARG A 215 15.60 9.51 5.28
CA ARG A 215 16.13 9.23 6.60
C ARG A 215 15.04 8.73 7.56
N GLY A 216 14.23 7.79 7.05
CA GLY A 216 13.29 7.07 7.89
C GLY A 216 12.17 7.91 8.42
N SER A 217 11.77 8.94 7.70
CA SER A 217 10.81 9.92 8.21
C SER A 217 9.38 9.52 7.89
N ARG A 218 8.47 9.84 8.82
CA ARG A 218 7.05 9.57 8.69
C ARG A 218 6.30 10.52 9.60
N GLY A 219 5.06 10.83 9.25
CA GLY A 219 4.27 11.69 10.11
C GLY A 219 2.80 11.59 9.78
N ILE A 220 1.99 12.05 10.71
CA ILE A 220 0.56 12.13 10.48
C ILE A 220 0.01 13.30 11.30
N ILE A 221 -0.97 13.98 10.74
CA ILE A 221 -1.77 14.94 11.47
C ILE A 221 -3.22 14.48 11.36
N ALA A 222 -3.98 14.64 12.45
CA ALA A 222 -5.30 14.04 12.45
C ALA A 222 -6.23 14.79 13.37
N LEU A 223 -7.46 14.92 12.90
CA LEU A 223 -8.60 15.34 13.69
C LEU A 223 -9.49 14.10 13.81
N LEU A 224 -9.67 13.61 15.04
CA LEU A 224 -10.35 12.34 15.24
C LEU A 224 -11.13 12.39 16.55
N GLY A 225 -12.15 11.54 16.63
CA GLY A 225 -12.93 11.44 17.86
C GLY A 225 -13.83 10.22 17.96
N PRO A 226 -14.22 9.87 19.19
CA PRO A 226 -15.11 8.72 19.43
C PRO A 226 -16.52 9.06 19.02
N PRO A 227 -17.35 8.05 18.75
CA PRO A 227 -18.74 8.35 18.38
C PRO A 227 -19.44 9.01 19.56
N GLY A 228 -20.10 10.12 19.29
CA GLY A 228 -20.85 10.81 20.33
C GLY A 228 -20.03 11.67 21.25
N LYS A 229 -18.74 11.85 20.97
CA LYS A 229 -17.88 12.63 21.84
C LYS A 229 -17.09 13.67 21.03
N ALA A 230 -16.43 14.57 21.75
CA ALA A 230 -15.68 15.64 21.12
C ALA A 230 -14.37 15.11 20.53
N PRO A 231 -13.92 15.66 19.41
CA PRO A 231 -12.68 15.19 18.81
C PRO A 231 -11.48 15.89 19.43
N ARG A 232 -10.31 15.39 19.08
CA ARG A 232 -9.03 15.97 19.45
C ARG A 232 -8.17 16.04 18.20
N ILE A 233 -7.09 16.82 18.27
CA ILE A 233 -6.07 16.83 17.23
C ILE A 233 -4.84 16.10 17.76
N VAL A 234 -4.25 15.26 16.92
CA VAL A 234 -3.02 14.57 17.26
C VAL A 234 -2.04 14.77 16.12
N VAL A 235 -0.77 14.99 16.44
CA VAL A 235 0.24 15.01 15.39
C VAL A 235 1.43 14.19 15.88
N ILE A 236 1.96 13.38 14.98
CA ILE A 236 3.02 12.44 15.28
C ILE A 236 4.03 12.53 14.14
N TYR A 237 5.29 12.75 14.51
CA TYR A 237 6.39 12.81 13.55
C TYR A 237 7.48 11.85 13.99
N LEU A 238 8.15 11.24 13.03
CA LEU A 238 9.38 10.55 13.36
C LEU A 238 10.38 10.77 12.24
N THR A 239 11.65 10.83 12.62
CA THR A 239 12.74 11.10 11.69
C THR A 239 14.03 10.55 12.27
N GLY A 240 14.92 10.11 11.39
CA GLY A 240 16.26 9.70 11.76
C GLY A 240 16.49 8.22 12.02
N SER A 241 15.51 7.36 11.79
CA SER A 241 15.70 5.93 11.98
C SER A 241 16.08 5.24 10.67
N LYS A 242 16.27 3.89 10.77
CA LYS A 242 16.53 3.10 9.54
C LYS A 242 15.28 2.26 9.22
N ALA A 243 14.16 2.54 9.87
CA ALA A 243 12.95 1.73 9.68
C ALA A 243 12.38 1.90 8.27
N ASP A 244 11.78 0.83 7.74
CA ASP A 244 11.13 0.92 6.44
C ASP A 244 9.72 1.48 6.59
N MET A 245 9.06 1.76 5.48
CA MET A 245 7.70 2.32 5.58
C MET A 245 6.78 1.50 6.48
N ALA A 246 6.82 0.18 6.36
CA ALA A 246 5.91 -0.63 7.16
C ALA A 246 6.21 -0.50 8.65
N GLU A 247 7.49 -0.47 9.04
CA GLU A 247 7.82 -0.23 10.44
C GLU A 247 7.37 1.14 10.90
N ARG A 248 7.60 2.16 10.06
CA ARG A 248 7.15 3.50 10.38
C ARG A 248 5.64 3.53 10.57
N ASN A 249 4.91 2.87 9.68
CA ASN A 249 3.45 2.78 9.78
C ASN A 249 3.04 2.13 11.09
N LYS A 250 3.69 1.01 11.44
CA LYS A 250 3.36 0.28 12.65
C LYS A 250 3.56 1.12 13.88
N ALA A 251 4.68 1.86 13.93
CA ALA A 251 4.95 2.72 15.08
C ALA A 251 3.84 3.73 15.28
N ILE A 252 3.48 4.45 14.22
CA ILE A 252 2.39 5.41 14.31
C ILE A 252 1.09 4.74 14.71
N ALA A 253 0.79 3.55 14.15
CA ALA A 253 -0.46 2.89 14.50
C ALA A 253 -0.45 2.50 15.99
N GLU A 254 0.69 2.05 16.48
CA GLU A 254 0.81 1.72 17.89
C GLU A 254 0.62 2.93 18.81
N ILE A 255 1.16 4.09 18.43
CA ILE A 255 0.87 5.31 19.19
C ILE A 255 -0.62 5.64 19.09
N GLY A 256 -1.21 5.45 17.91
CA GLY A 256 -2.64 5.72 17.78
C GLY A 256 -3.47 4.81 18.67
N ALA A 257 -3.13 3.51 18.70
CA ALA A 257 -3.84 2.58 19.55
C ALA A 257 -3.71 2.95 21.03
N ALA A 258 -2.55 3.45 21.45
CA ALA A 258 -2.36 3.80 22.86
C ALA A 258 -3.16 5.04 23.24
N LEU A 259 -3.11 6.09 22.41
CA LEU A 259 -3.87 7.29 22.74
C LEU A 259 -5.35 7.02 22.64
N ILE A 260 -5.75 6.07 21.80
CA ILE A 260 -7.15 5.67 21.74
C ILE A 260 -7.54 4.90 23.00
N LYS A 261 -6.71 3.94 23.40
CA LYS A 261 -7.03 3.18 24.60
C LYS A 261 -7.11 4.08 25.83
N HIS A 262 -6.28 5.12 25.89
CA HIS A 262 -6.22 6.01 27.03
C HIS A 262 -7.00 7.31 26.82
N TRP A 263 -7.90 7.34 25.85
CA TRP A 263 -8.68 8.57 25.61
C TRP A 263 -9.27 9.10 26.92
N HIS B 1 5.18 -6.14 -29.67
CA HIS B 1 3.97 -5.44 -30.13
C HIS B 1 3.34 -4.50 -29.09
N PRO B 2 2.92 -3.30 -29.51
CA PRO B 2 2.32 -2.37 -28.55
C PRO B 2 0.90 -2.72 -28.14
N GLU B 3 0.21 -3.61 -28.78
CA GLU B 3 -1.22 -3.83 -28.45
C GLU B 3 -1.38 -4.24 -26.99
N THR B 4 -0.56 -5.22 -26.54
CA THR B 4 -0.77 -5.68 -25.17
C THR B 4 -0.81 -4.51 -24.19
N LEU B 5 0.21 -3.65 -24.21
CA LEU B 5 0.23 -2.57 -23.22
C LEU B 5 -0.84 -1.52 -23.50
N VAL B 6 -1.23 -1.34 -24.77
CA VAL B 6 -2.37 -0.47 -25.03
C VAL B 6 -3.61 -1.03 -24.37
N THR B 7 -3.83 -2.34 -24.52
CA THR B 7 -4.99 -2.94 -23.86
C THR B 7 -4.86 -2.82 -22.34
N VAL B 8 -3.67 -3.08 -21.80
CA VAL B 8 -3.49 -2.96 -20.36
C VAL B 8 -3.84 -1.55 -19.89
N LYS B 9 -3.36 -0.55 -20.62
CA LYS B 9 -3.66 0.83 -20.25
C LYS B 9 -5.15 1.12 -20.41
N ARG B 10 -5.75 0.65 -21.51
CA ARG B 10 -7.19 0.78 -21.69
C ARG B 10 -7.95 0.23 -20.50
N ILE B 11 -7.66 -1.02 -20.13
CA ILE B 11 -8.31 -1.65 -18.98
C ILE B 11 -8.10 -0.82 -17.72
N GLU B 12 -6.87 -0.38 -17.48
CA GLU B 12 -6.58 0.44 -16.31
C GLU B 12 -7.45 1.69 -16.29
N ASP B 13 -7.60 2.34 -17.44
CA ASP B 13 -8.47 3.52 -17.49
C ASP B 13 -9.92 3.14 -17.19
N GLN B 14 -10.42 2.07 -17.83
CA GLN B 14 -11.84 1.76 -17.70
C GLN B 14 -12.21 1.32 -16.29
N LEU B 15 -11.34 0.55 -15.64
CA LEU B 15 -11.66 0.01 -14.33
C LEU B 15 -11.26 0.91 -13.16
N GLY B 16 -10.29 1.80 -13.36
CA GLY B 16 -9.72 2.51 -12.23
C GLY B 16 -8.70 1.66 -11.49
N GLY B 17 -8.07 2.26 -10.49
CA GLY B 17 -7.02 1.55 -9.79
C GLY B 17 -5.74 1.47 -10.60
N ARG B 18 -4.96 0.44 -10.31
CA ARG B 18 -3.68 0.21 -10.95
C ARG B 18 -3.61 -1.21 -11.45
N LEU B 19 -2.97 -1.36 -12.60
CA LEU B 19 -2.76 -2.65 -13.22
C LEU B 19 -1.26 -2.81 -13.41
N GLY B 20 -0.74 -3.96 -13.04
CA GLY B 20 0.67 -4.26 -13.23
C GLY B 20 0.83 -5.57 -13.96
N TYR B 21 1.95 -5.68 -14.69
CA TYR B 21 2.15 -6.76 -15.66
C TYR B 21 3.63 -7.02 -15.83
N ALA B 22 4.02 -8.29 -15.93
CA ALA B 22 5.36 -8.66 -16.38
C ALA B 22 5.31 -9.99 -17.12
N GLU B 23 6.08 -10.08 -18.21
CA GLU B 23 6.20 -11.29 -19.01
C GLU B 23 7.69 -11.58 -19.19
N LEU B 24 8.13 -12.76 -18.76
CA LEU B 24 9.53 -13.15 -18.72
C LEU B 24 9.80 -14.33 -19.64
N ASP B 25 10.98 -14.35 -20.24
CA ASP B 25 11.47 -15.55 -20.94
C ASP B 25 12.09 -16.49 -19.91
N LEU B 26 11.58 -17.72 -19.85
CA LEU B 26 12.04 -18.67 -18.82
C LEU B 26 13.53 -18.92 -18.92
N GLY B 27 14.06 -18.96 -20.14
CA GLY B 27 15.46 -19.34 -20.30
C GLY B 27 16.44 -18.32 -19.74
N SER B 28 16.18 -17.04 -19.99
CA SER B 28 17.13 -16.00 -19.63
C SER B 28 16.66 -15.10 -18.50
N GLY B 29 15.39 -15.14 -18.13
CA GLY B 29 14.84 -14.16 -17.22
C GLY B 29 14.66 -12.78 -17.82
N GLN B 30 14.92 -12.64 -19.11
CA GLN B 30 14.65 -11.39 -19.82
C GLN B 30 13.22 -10.93 -19.59
N VAL B 31 13.07 -9.72 -19.05
CA VAL B 31 11.74 -9.11 -18.99
C VAL B 31 11.34 -8.74 -20.41
N LEU B 32 10.45 -9.53 -21.02
CA LEU B 32 10.05 -9.27 -22.40
C LEU B 32 9.14 -8.04 -22.48
N GLU B 33 8.22 -7.91 -21.53
CA GLU B 33 7.29 -6.77 -21.50
C GLU B 33 6.88 -6.56 -20.05
N SER B 34 6.57 -5.31 -19.72
CA SER B 34 6.10 -5.07 -18.37
C SER B 34 5.45 -3.71 -18.30
N TYR B 35 4.57 -3.55 -17.30
CA TYR B 35 3.83 -2.32 -17.08
C TYR B 35 3.72 -2.17 -15.56
N ARG B 36 4.19 -1.04 -15.02
CA ARG B 36 4.27 -0.86 -13.58
C ARG B 36 5.03 -2.02 -12.94
N GLY B 37 6.03 -2.51 -13.67
CA GLY B 37 6.75 -3.72 -13.29
C GLY B 37 7.52 -3.63 -11.99
N ASP B 38 7.85 -2.42 -11.51
CA ASP B 38 8.51 -2.30 -10.22
C ASP B 38 7.64 -1.60 -9.18
N GLU B 39 6.32 -1.52 -9.39
CA GLU B 39 5.43 -1.02 -8.35
C GLU B 39 4.89 -2.18 -7.52
N ARG B 40 4.58 -1.88 -6.27
CA ARG B 40 4.05 -2.89 -5.36
C ARG B 40 2.55 -3.09 -5.55
N PHE B 41 2.14 -4.36 -5.45
CA PHE B 41 0.75 -4.79 -5.54
C PHE B 41 0.53 -5.85 -4.47
N PRO B 42 -0.66 -5.89 -3.86
CA PRO B 42 -0.97 -6.99 -2.94
C PRO B 42 -0.89 -8.32 -3.68
N MET B 43 -0.19 -9.28 -3.04
CA MET B 43 0.02 -10.62 -3.59
C MET B 43 -1.26 -11.46 -3.54
N MET B 44 -2.07 -11.28 -2.51
CA MET B 44 -3.28 -12.10 -2.31
C MET B 44 -2.82 -13.56 -2.31
N SER B 45 -3.68 -14.46 -2.78
CA SER B 45 -3.36 -15.87 -2.71
C SER B 45 -2.26 -16.30 -3.68
N THR B 46 -1.73 -15.42 -4.52
CA THR B 46 -0.58 -15.84 -5.32
C THR B 46 0.63 -16.17 -4.42
N PHE B 47 0.65 -15.66 -3.19
CA PHE B 47 1.74 -16.01 -2.28
C PHE B 47 1.76 -17.50 -1.98
N LYS B 48 0.63 -18.20 -2.20
CA LYS B 48 0.56 -19.59 -1.76
C LYS B 48 1.51 -20.48 -2.55
N VAL B 49 1.87 -20.08 -3.77
CA VAL B 49 2.91 -20.82 -4.50
C VAL B 49 4.26 -20.68 -3.80
N LEU B 50 4.61 -19.47 -3.36
CA LEU B 50 5.86 -19.26 -2.65
C LEU B 50 5.86 -20.03 -1.34
N LEU B 51 4.72 -20.04 -0.64
CA LEU B 51 4.56 -20.82 0.60
C LEU B 51 4.85 -22.30 0.38
N CYS B 52 4.24 -22.90 -0.65
CA CYS B 52 4.50 -24.31 -0.90
C CYS B 52 5.94 -24.53 -1.36
N GLY B 53 6.54 -23.53 -2.03
CA GLY B 53 7.97 -23.61 -2.30
C GLY B 53 8.79 -23.69 -1.03
N ALA B 54 8.44 -22.86 -0.03
CA ALA B 54 9.12 -22.93 1.26
C ALA B 54 8.94 -24.30 1.89
N VAL B 55 7.73 -24.86 1.80
CA VAL B 55 7.47 -26.18 2.38
C VAL B 55 8.28 -27.24 1.65
N LEU B 56 8.27 -27.21 0.32
CA LEU B 56 9.03 -28.21 -0.43
C LEU B 56 10.52 -28.10 -0.11
N ALA B 57 11.03 -26.87 0.06
CA ALA B 57 12.44 -26.73 0.43
C ALA B 57 12.75 -27.44 1.74
N ARG B 58 11.85 -27.34 2.73
CA ARG B 58 12.05 -28.03 4.00
C ARG B 58 11.96 -29.53 3.81
N VAL B 59 11.04 -29.99 2.96
CA VAL B 59 11.00 -31.40 2.62
C VAL B 59 12.37 -31.83 2.06
N ASP B 60 12.89 -31.04 1.12
CA ASP B 60 14.18 -31.34 0.50
C ASP B 60 15.31 -31.38 1.53
N ALA B 61 15.22 -30.59 2.61
CA ALA B 61 16.23 -30.53 3.65
C ALA B 61 16.04 -31.57 4.75
N GLY B 62 15.03 -32.43 4.63
CA GLY B 62 14.76 -33.42 5.66
C GLY B 62 14.11 -32.90 6.91
N GLN B 63 13.54 -31.70 6.89
CA GLN B 63 12.88 -31.19 8.07
C GLN B 63 11.37 -31.24 7.97
N GLU B 64 10.84 -31.78 6.87
CA GLU B 64 9.41 -31.94 6.67
C GLU B 64 9.16 -33.18 5.83
N GLN B 65 7.97 -33.76 6.01
CA GLN B 65 7.53 -34.92 5.23
C GLN B 65 6.20 -34.58 4.57
N LEU B 66 6.09 -34.83 3.27
CA LEU B 66 4.83 -34.57 2.57
C LEU B 66 3.69 -35.39 3.15
N ASP B 67 3.97 -36.56 3.75
CA ASP B 67 2.90 -37.42 4.25
C ASP B 67 2.60 -37.23 5.73
N ARG B 68 3.23 -36.25 6.39
CA ARG B 68 2.96 -36.01 7.80
C ARG B 68 1.56 -35.47 7.96
N ARG B 69 0.82 -36.01 8.93
CA ARG B 69 -0.58 -35.64 9.12
C ARG B 69 -0.65 -34.45 10.07
N ILE B 70 -1.37 -33.41 9.65
CA ILE B 70 -1.55 -32.22 10.47
C ILE B 70 -2.98 -32.25 11.01
N THR B 71 -3.12 -32.16 12.33
CA THR B 71 -4.42 -32.05 12.97
C THR B 71 -4.76 -30.59 13.26
N TYR B 72 -6.03 -30.26 13.15
CA TYR B 72 -6.49 -28.90 13.41
C TYR B 72 -7.95 -28.93 13.84
N THR B 73 -8.45 -27.77 14.27
CA THR B 73 -9.75 -27.68 14.92
C THR B 73 -10.60 -26.64 14.20
N LYS B 74 -11.89 -26.59 14.57
CA LYS B 74 -12.77 -25.58 14.00
C LYS B 74 -12.25 -24.16 14.29
N ALA B 75 -11.56 -23.98 15.42
CA ALA B 75 -10.99 -22.68 15.76
C ALA B 75 -9.91 -22.23 14.78
N ASP B 76 -9.39 -23.14 13.97
CA ASP B 76 -8.39 -22.84 12.95
C ASP B 76 -9.02 -22.41 11.64
N LEU B 77 -10.30 -22.69 11.44
CA LEU B 77 -10.89 -22.41 10.14
C LEU B 77 -11.10 -20.91 9.97
N VAL B 78 -10.62 -20.38 8.85
CA VAL B 78 -10.96 -19.03 8.44
C VAL B 78 -11.84 -19.13 7.19
N THR B 79 -12.34 -17.96 6.76
CA THR B 79 -13.26 -17.87 5.64
C THR B 79 -12.63 -18.45 4.37
N TYR B 80 -13.48 -19.09 3.57
CA TYR B 80 -13.12 -19.77 2.33
C TYR B 80 -12.06 -20.85 2.55
N SER B 81 -12.52 -21.99 3.07
CA SER B 81 -11.69 -23.16 3.31
C SER B 81 -12.43 -24.40 2.82
N PRO B 82 -12.66 -24.49 1.50
CA PRO B 82 -13.57 -25.54 0.98
C PRO B 82 -13.08 -26.96 1.23
N VAL B 83 -11.78 -27.17 1.36
CA VAL B 83 -11.24 -28.51 1.58
C VAL B 83 -11.02 -28.79 3.07
N THR B 84 -10.27 -27.90 3.75
CA THR B 84 -9.94 -28.17 5.15
C THR B 84 -11.18 -28.20 6.03
N GLU B 85 -12.24 -27.49 5.65
CA GLU B 85 -13.41 -27.54 6.50
C GLU B 85 -14.10 -28.90 6.48
N LYS B 86 -13.70 -29.79 5.58
CA LYS B 86 -14.22 -31.15 5.53
C LYS B 86 -13.37 -32.16 6.31
N HIS B 87 -12.24 -31.72 6.88
CA HIS B 87 -11.29 -32.64 7.48
C HIS B 87 -10.89 -32.23 8.89
N VAL B 88 -11.77 -31.50 9.58
CA VAL B 88 -11.51 -31.18 10.98
C VAL B 88 -11.28 -32.47 11.79
N GLY B 89 -12.15 -33.46 11.59
CA GLY B 89 -12.04 -34.68 12.37
C GLY B 89 -10.75 -35.46 12.10
N ASP B 90 -10.47 -35.74 10.82
CA ASP B 90 -9.39 -36.68 10.47
C ASP B 90 -8.05 -36.00 10.16
N GLY B 91 -8.03 -34.67 9.95
CA GLY B 91 -6.76 -34.01 9.63
C GLY B 91 -6.42 -34.14 8.16
N MET B 92 -5.25 -33.59 7.80
CA MET B 92 -4.79 -33.66 6.42
C MET B 92 -3.26 -33.72 6.41
N THR B 93 -2.71 -34.37 5.38
CA THR B 93 -1.26 -34.39 5.26
C THR B 93 -0.73 -33.07 4.71
N VAL B 94 0.57 -32.88 4.86
CA VAL B 94 1.23 -31.70 4.31
C VAL B 94 0.98 -31.61 2.80
N ALA B 95 1.13 -32.72 2.09
CA ALA B 95 0.92 -32.67 0.64
C ALA B 95 -0.50 -32.26 0.31
N GLU B 96 -1.50 -32.84 1.01
CA GLU B 96 -2.89 -32.51 0.74
C GLU B 96 -3.20 -31.04 1.06
N LEU B 97 -2.53 -30.50 2.08
CA LEU B 97 -2.67 -29.08 2.41
C LEU B 97 -2.08 -28.21 1.31
N CYS B 98 -0.89 -28.57 0.83
CA CYS B 98 -0.30 -27.88 -0.31
C CYS B 98 -1.24 -27.91 -1.51
N GLU B 99 -1.81 -29.09 -1.77
CA GLU B 99 -2.68 -29.27 -2.93
C GLU B 99 -3.93 -28.40 -2.79
N ALA B 100 -4.51 -28.37 -1.59
CA ALA B 100 -5.68 -27.55 -1.35
C ALA B 100 -5.34 -26.06 -1.46
N ALA B 101 -4.23 -25.65 -0.87
CA ALA B 101 -3.83 -24.25 -0.92
C ALA B 101 -3.63 -23.79 -2.36
N ILE B 102 -2.97 -24.61 -3.18
CA ILE B 102 -2.72 -24.18 -4.56
C ILE B 102 -3.94 -24.38 -5.44
N THR B 103 -4.51 -25.60 -5.47
CA THR B 103 -5.54 -25.88 -6.48
C THR B 103 -6.88 -25.27 -6.14
N MET B 104 -7.22 -25.10 -4.86
CA MET B 104 -8.49 -24.48 -4.50
C MET B 104 -8.33 -23.15 -3.79
N SER B 105 -7.09 -22.72 -3.48
CA SER B 105 -6.81 -21.49 -2.75
C SER B 105 -7.42 -21.54 -1.34
N ASP B 106 -7.45 -22.74 -0.77
CA ASP B 106 -7.93 -22.93 0.59
C ASP B 106 -7.13 -22.05 1.54
N ASN B 107 -7.84 -21.23 2.34
CA ASN B 107 -7.15 -20.25 3.18
C ASN B 107 -6.64 -20.86 4.48
N THR B 108 -7.42 -21.75 5.10
CA THR B 108 -6.95 -22.43 6.30
C THR B 108 -5.74 -23.30 5.99
N ALA B 109 -5.76 -23.99 4.85
CA ALA B 109 -4.60 -24.77 4.44
C ALA B 109 -3.36 -23.90 4.43
N ALA B 110 -3.48 -22.69 3.90
CA ALA B 110 -2.33 -21.79 3.86
C ALA B 110 -1.87 -21.42 5.26
N ASN B 111 -2.79 -21.11 6.17
CA ASN B 111 -2.37 -20.80 7.53
C ASN B 111 -1.71 -22.00 8.19
N LEU B 112 -2.28 -23.20 8.00
CA LEU B 112 -1.67 -24.38 8.60
C LEU B 112 -0.25 -24.58 8.10
N LEU B 113 -0.02 -24.34 6.80
CA LEU B 113 1.33 -24.50 6.27
C LEU B 113 2.25 -23.39 6.76
N LEU B 114 1.75 -22.17 6.85
CA LEU B 114 2.56 -21.10 7.42
C LEU B 114 3.02 -21.46 8.83
N THR B 115 2.15 -22.07 9.63
CA THR B 115 2.56 -22.47 10.96
C THR B 115 3.70 -23.49 10.90
N THR B 116 3.67 -24.41 9.93
CA THR B 116 4.75 -25.40 9.88
C THR B 116 6.10 -24.79 9.55
N ILE B 117 6.14 -23.67 8.81
CA ILE B 117 7.42 -23.08 8.41
C ILE B 117 7.86 -21.97 9.34
N GLY B 118 7.02 -21.51 10.25
CA GLY B 118 7.37 -20.45 11.15
C GLY B 118 6.77 -19.09 10.83
N GLY B 119 5.66 -19.05 10.08
CA GLY B 119 4.92 -17.83 9.91
C GLY B 119 5.35 -17.00 8.72
N PRO B 120 4.60 -15.94 8.47
CA PRO B 120 4.98 -15.02 7.39
C PRO B 120 6.43 -14.54 7.50
N GLU B 121 6.94 -14.29 8.72
CA GLU B 121 8.35 -13.92 8.86
C GLU B 121 9.27 -14.98 8.28
N ALA B 122 8.96 -16.26 8.52
CA ALA B 122 9.81 -17.30 7.96
C ALA B 122 9.63 -17.43 6.45
N LEU B 123 8.45 -17.09 5.92
CA LEU B 123 8.31 -17.07 4.46
C LEU B 123 9.16 -15.98 3.86
N THR B 124 9.09 -14.77 4.42
CA THR B 124 9.89 -13.67 3.90
C THR B 124 11.38 -13.99 3.98
N ALA B 125 11.82 -14.60 5.09
CA ALA B 125 13.24 -14.95 5.19
C ALA B 125 13.63 -15.95 4.10
N PHE B 126 12.76 -16.92 3.81
CA PHE B 126 13.03 -17.85 2.74
C PHE B 126 13.15 -17.13 1.40
N LEU B 127 12.28 -16.16 1.16
CA LEU B 127 12.39 -15.38 -0.07
C LEU B 127 13.73 -14.65 -0.13
N ARG B 128 14.15 -14.04 0.98
CA ARG B 128 15.46 -13.39 1.02
C ARG B 128 16.56 -14.37 0.67
N SER B 129 16.45 -15.59 1.21
CA SER B 129 17.52 -16.58 1.06
C SER B 129 17.70 -16.99 -0.40
N ILE B 130 16.63 -16.98 -1.20
CA ILE B 130 16.77 -17.30 -2.61
C ILE B 130 16.86 -16.05 -3.48
N GLY B 131 17.09 -14.89 -2.87
CA GLY B 131 17.47 -13.71 -3.62
C GLY B 131 16.36 -12.74 -3.94
N ASP B 132 15.17 -12.94 -3.38
CA ASP B 132 14.06 -12.00 -3.56
C ASP B 132 14.10 -11.05 -2.37
N THR B 133 14.48 -9.79 -2.60
CA THR B 133 14.52 -8.79 -1.55
C THR B 133 13.36 -7.80 -1.63
N THR B 134 12.38 -8.09 -2.48
CA THR B 134 11.23 -7.22 -2.68
C THR B 134 9.97 -7.77 -2.04
N THR B 135 9.64 -9.02 -2.32
CA THR B 135 8.39 -9.62 -1.86
C THR B 135 8.41 -9.80 -0.35
N ARG B 136 7.26 -9.57 0.26
CA ARG B 136 7.18 -9.68 1.72
C ARG B 136 5.80 -10.15 2.09
N LEU B 137 5.75 -11.12 3.00
CA LEU B 137 4.50 -11.54 3.62
C LEU B 137 4.54 -11.08 5.07
N ASP B 138 3.49 -10.40 5.50
CA ASP B 138 3.46 -9.87 6.86
C ASP B 138 2.32 -10.42 7.70
N ARG B 139 1.20 -10.79 7.09
CA ARG B 139 0.02 -11.19 7.84
C ARG B 139 -0.40 -12.60 7.44
N TRP B 140 -1.43 -13.10 8.12
CA TRP B 140 -2.01 -14.40 7.85
C TRP B 140 -3.28 -14.25 7.01
N GLU B 141 -3.83 -15.37 6.54
CA GLU B 141 -5.19 -15.30 6.00
C GLU B 141 -6.19 -15.05 7.14
N THR B 142 -7.19 -14.21 6.89
CA THR B 142 -7.44 -13.54 5.60
C THR B 142 -7.05 -12.05 5.62
N GLU B 143 -6.38 -11.60 6.69
CA GLU B 143 -6.03 -10.18 6.77
C GLU B 143 -5.05 -9.76 5.69
N LEU B 144 -4.22 -10.68 5.18
CA LEU B 144 -3.27 -10.30 4.15
C LEU B 144 -3.93 -9.78 2.87
N ASN B 145 -5.25 -9.88 2.73
CA ASN B 145 -5.92 -9.46 1.49
C ASN B 145 -6.52 -8.06 1.59
N GLU B 146 -6.20 -7.33 2.66
CA GLU B 146 -6.87 -6.05 2.88
C GLU B 146 -6.59 -5.03 1.79
N ALA B 147 -5.39 -5.06 1.20
CA ALA B 147 -5.07 -4.25 0.02
C ALA B 147 -5.22 -2.74 0.28
N LEU B 148 -4.82 -2.28 1.46
CA LEU B 148 -4.87 -0.84 1.76
C LEU B 148 -3.99 -0.08 0.76
N PRO B 149 -4.49 0.98 0.14
CA PRO B 149 -3.67 1.69 -0.86
C PRO B 149 -2.33 2.14 -0.27
N GLY B 150 -1.25 1.87 -1.01
CA GLY B 150 0.09 2.26 -0.60
C GLY B 150 0.72 1.40 0.48
N ASP B 151 -0.04 0.50 1.08
CA ASP B 151 0.46 -0.37 2.17
C ASP B 151 1.46 -1.37 1.61
N PRO B 152 2.70 -1.39 2.09
CA PRO B 152 3.67 -2.37 1.55
C PRO B 152 3.54 -3.77 2.14
N ARG B 153 2.75 -3.95 3.20
CA ARG B 153 2.57 -5.29 3.76
C ARG B 153 1.98 -6.23 2.71
N ASP B 154 2.52 -7.45 2.66
CA ASP B 154 1.94 -8.51 1.84
C ASP B 154 1.96 -8.18 0.36
N THR B 155 3.01 -7.50 -0.10
CA THR B 155 3.09 -7.09 -1.49
C THR B 155 4.28 -7.72 -2.18
N THR B 156 4.21 -7.69 -3.50
CA THR B 156 5.33 -8.00 -4.38
C THR B 156 5.32 -6.94 -5.49
N THR B 157 6.24 -7.06 -6.42
CA THR B 157 6.09 -6.36 -7.68
C THR B 157 5.96 -7.37 -8.81
N PRO B 158 5.33 -7.00 -9.92
CA PRO B 158 5.18 -7.96 -11.02
C PRO B 158 6.52 -8.54 -11.46
N GLU B 159 7.54 -7.70 -11.57
CA GLU B 159 8.84 -8.19 -12.02
C GLU B 159 9.52 -9.03 -10.95
N ALA B 160 9.40 -8.66 -9.66
CA ALA B 160 10.08 -9.47 -8.65
C ALA B 160 9.40 -10.83 -8.52
N MET B 161 8.08 -10.85 -8.55
CA MET B 161 7.34 -12.11 -8.47
C MET B 161 7.68 -13.02 -9.65
N ALA B 162 7.75 -12.46 -10.85
CA ALA B 162 8.11 -13.26 -12.03
C ALA B 162 9.51 -13.84 -11.90
N ALA B 163 10.47 -13.03 -11.45
CA ALA B 163 11.84 -13.51 -11.31
C ALA B 163 11.93 -14.62 -10.27
N THR B 164 11.19 -14.49 -9.17
CA THR B 164 11.22 -15.49 -8.10
C THR B 164 10.56 -16.79 -8.55
N LEU B 165 9.42 -16.69 -9.23
CA LEU B 165 8.77 -17.88 -9.78
C LEU B 165 9.70 -18.66 -10.71
N ARG B 166 10.47 -17.94 -11.53
CA ARG B 166 11.41 -18.61 -12.43
C ARG B 166 12.46 -19.40 -11.65
N LYS B 167 13.02 -18.77 -10.60
CA LYS B 167 14.02 -19.42 -9.74
C LYS B 167 13.44 -20.64 -9.04
N LEU B 168 12.17 -20.58 -8.65
CA LEU B 168 11.50 -21.67 -7.96
C LEU B 168 11.14 -22.79 -8.92
N LEU B 169 10.57 -22.43 -10.08
CA LEU B 169 9.98 -23.44 -10.95
C LEU B 169 11.01 -24.04 -11.89
N LEU B 170 12.02 -23.26 -12.31
CA LEU B 170 13.06 -23.74 -13.21
C LEU B 170 14.45 -23.72 -12.61
N GLY B 171 14.65 -23.06 -11.48
CA GLY B 171 15.96 -22.91 -10.90
C GLY B 171 16.32 -24.05 -9.96
N ASP B 172 17.35 -23.80 -9.15
CA ASP B 172 17.96 -24.82 -8.29
C ASP B 172 17.48 -24.74 -6.84
N VAL B 173 16.47 -23.91 -6.56
CA VAL B 173 16.00 -23.79 -5.18
C VAL B 173 15.51 -25.13 -4.65
N LEU B 174 14.79 -25.88 -5.49
CA LEU B 174 14.19 -27.16 -5.14
C LEU B 174 14.82 -28.27 -5.97
N THR B 175 14.74 -29.49 -5.44
CA THR B 175 15.15 -30.65 -6.20
C THR B 175 14.27 -30.78 -7.45
N PRO B 176 14.76 -31.43 -8.50
CA PRO B 176 13.90 -31.61 -9.68
C PRO B 176 12.57 -32.29 -9.36
N ALA B 177 12.52 -33.25 -8.43
CA ALA B 177 11.22 -33.83 -8.06
C ALA B 177 10.30 -32.80 -7.39
N SER B 178 10.84 -32.00 -6.48
CA SER B 178 9.98 -31.04 -5.79
C SER B 178 9.61 -29.87 -6.69
N ARG B 179 10.47 -29.47 -7.62
CA ARG B 179 10.05 -28.40 -8.51
C ARG B 179 8.95 -28.89 -9.46
N GLN B 180 9.02 -30.16 -9.88
CA GLN B 180 7.94 -30.70 -10.71
C GLN B 180 6.64 -30.83 -9.93
N GLN B 181 6.73 -31.17 -8.65
CA GLN B 181 5.54 -31.24 -7.80
C GLN B 181 4.85 -29.88 -7.73
N LEU B 182 5.63 -28.81 -7.57
CA LEU B 182 5.03 -27.48 -7.49
C LEU B 182 4.35 -27.11 -8.80
N ILE B 183 5.02 -27.39 -9.92
CA ILE B 183 4.40 -27.22 -11.24
C ILE B 183 3.11 -28.02 -11.32
N ASP B 184 3.17 -29.29 -10.91
CA ASP B 184 1.99 -30.15 -11.03
C ASP B 184 0.81 -29.60 -10.23
N TRP B 185 1.08 -29.07 -9.03
CA TRP B 185 0.00 -28.47 -8.27
C TRP B 185 -0.59 -27.27 -9.02
N MET B 186 0.27 -26.41 -9.58
CA MET B 186 -0.25 -25.27 -10.31
C MET B 186 -0.97 -25.69 -11.58
N GLU B 187 -0.46 -26.69 -12.27
CA GLU B 187 -1.15 -27.22 -13.44
C GLU B 187 -2.57 -27.63 -13.09
N ALA B 188 -2.76 -28.15 -11.87
CA ALA B 188 -4.05 -28.70 -11.42
C ALA B 188 -4.97 -27.65 -10.82
N ASP B 189 -4.62 -26.37 -10.95
CA ASP B 189 -5.45 -25.26 -10.48
C ASP B 189 -6.90 -25.44 -10.91
N LYS B 190 -7.83 -25.34 -9.96
CA LYS B 190 -9.23 -25.57 -10.24
C LYS B 190 -10.05 -24.29 -10.32
N VAL B 191 -9.56 -23.18 -9.80
CA VAL B 191 -10.40 -22.01 -9.58
C VAL B 191 -10.02 -20.84 -10.48
N ALA B 192 -9.21 -21.07 -11.52
CA ALA B 192 -8.75 -20.01 -12.40
C ALA B 192 -9.39 -20.04 -13.79
N GLY B 193 -10.42 -20.85 -13.97
CA GLY B 193 -11.06 -21.04 -15.28
C GLY B 193 -11.35 -19.76 -16.03
N PRO B 194 -11.94 -18.77 -15.36
CA PRO B 194 -12.37 -17.55 -16.08
C PRO B 194 -11.27 -16.55 -16.35
N LEU B 195 -10.01 -16.87 -16.12
CA LEU B 195 -8.92 -15.92 -16.28
C LEU B 195 -8.13 -16.32 -17.53
N ILE B 196 -6.80 -16.44 -17.47
CA ILE B 196 -6.04 -16.76 -18.69
C ILE B 196 -6.51 -18.06 -19.32
N ARG B 197 -6.90 -19.04 -18.49
CA ARG B 197 -7.32 -20.34 -19.04
C ARG B 197 -8.44 -20.16 -20.04
N SER B 198 -9.33 -19.20 -19.79
CA SER B 198 -10.45 -18.97 -20.69
C SER B 198 -9.97 -18.53 -22.08
N ALA B 199 -8.74 -18.01 -22.18
CA ALA B 199 -8.21 -17.49 -23.44
C ALA B 199 -7.16 -18.40 -24.06
N LEU B 200 -6.92 -19.56 -23.46
CA LEU B 200 -5.82 -20.44 -23.88
C LEU B 200 -6.24 -21.27 -25.10
N PRO B 201 -5.56 -21.14 -26.23
CA PRO B 201 -5.89 -21.99 -27.37
C PRO B 201 -5.58 -23.45 -27.07
N ALA B 202 -6.23 -24.34 -27.83
CA ALA B 202 -6.05 -25.77 -27.61
C ALA B 202 -4.57 -26.14 -27.72
N GLY B 203 -4.17 -27.15 -26.94
CA GLY B 203 -2.81 -27.63 -26.95
C GLY B 203 -1.85 -26.88 -26.04
N TRP B 204 -2.11 -25.60 -25.77
CA TRP B 204 -1.25 -24.88 -24.85
C TRP B 204 -1.33 -25.49 -23.46
N ARG B 205 -0.25 -25.32 -22.70
CA ARG B 205 -0.22 -25.76 -21.33
C ARG B 205 -0.13 -24.54 -20.43
N ILE B 206 -0.68 -24.66 -19.23
CA ILE B 206 -0.62 -23.57 -18.27
C ILE B 206 -0.55 -24.15 -16.86
N ALA B 207 0.30 -23.54 -16.04
CA ALA B 207 0.36 -23.80 -14.60
C ALA B 207 0.20 -22.46 -13.91
N ASP B 208 -0.83 -22.31 -13.06
CA ASP B 208 -1.12 -20.96 -12.58
C ASP B 208 -1.67 -20.95 -11.15
N LYS B 209 -1.84 -19.74 -10.63
CA LYS B 209 -2.38 -19.52 -9.29
C LYS B 209 -2.92 -18.10 -9.27
N THR B 210 -4.16 -17.94 -8.82
CA THR B 210 -4.85 -16.66 -8.77
C THR B 210 -4.88 -16.10 -7.35
N GLY B 211 -5.29 -14.83 -7.26
CA GLY B 211 -5.56 -14.23 -5.96
C GLY B 211 -6.66 -13.19 -6.12
N ALA B 212 -7.36 -12.92 -5.03
CA ALA B 212 -8.40 -11.90 -5.02
C ALA B 212 -8.32 -11.18 -3.68
N GLY B 213 -8.70 -9.90 -3.68
CA GLY B 213 -8.59 -9.13 -2.45
C GLY B 213 -9.63 -8.05 -2.37
N GLU B 214 -9.57 -7.31 -1.25
CA GLU B 214 -10.43 -6.17 -1.07
C GLU B 214 -10.03 -5.09 -2.07
N ARG B 215 -10.87 -4.06 -2.19
CA ARG B 215 -10.59 -2.90 -3.03
C ARG B 215 -10.36 -3.31 -4.48
N GLY B 216 -11.17 -4.25 -4.96
CA GLY B 216 -11.19 -4.59 -6.37
C GLY B 216 -9.94 -5.30 -6.84
N SER B 217 -9.31 -6.08 -5.98
CA SER B 217 -8.00 -6.64 -6.29
C SER B 217 -8.11 -8.06 -6.86
N ARG B 218 -7.20 -8.37 -7.78
CA ARG B 218 -7.15 -9.65 -8.49
C ARG B 218 -5.72 -9.84 -8.98
N GLY B 219 -5.31 -11.09 -9.14
CA GLY B 219 -4.00 -11.33 -9.69
C GLY B 219 -3.84 -12.76 -10.15
N ILE B 220 -2.86 -12.96 -11.03
CA ILE B 220 -2.53 -14.31 -11.49
C ILE B 220 -1.03 -14.37 -11.71
N ILE B 221 -0.45 -15.50 -11.33
CA ILE B 221 0.89 -15.88 -11.74
C ILE B 221 0.79 -17.16 -12.57
N ALA B 222 1.56 -17.24 -13.65
CA ALA B 222 1.36 -18.34 -14.57
C ALA B 222 2.64 -18.66 -15.34
N LEU B 223 2.89 -19.95 -15.48
CA LEU B 223 3.84 -20.48 -16.45
C LEU B 223 3.02 -21.11 -17.57
N LEU B 224 3.18 -20.60 -18.80
CA LEU B 224 2.37 -21.07 -19.91
C LEU B 224 3.17 -20.99 -21.21
N GLY B 225 2.63 -21.64 -22.23
CA GLY B 225 3.18 -21.51 -23.55
C GLY B 225 2.55 -22.46 -24.57
N PRO B 226 2.83 -22.21 -25.85
CA PRO B 226 2.28 -23.08 -26.90
C PRO B 226 2.98 -24.42 -26.91
N PRO B 227 2.39 -25.45 -27.53
CA PRO B 227 3.03 -26.75 -27.53
C PRO B 227 4.28 -26.76 -28.41
N GLY B 228 5.28 -27.51 -27.96
CA GLY B 228 6.55 -27.60 -28.66
C GLY B 228 7.45 -26.39 -28.51
N LYS B 229 7.04 -25.38 -27.75
CA LYS B 229 7.77 -24.11 -27.68
C LYS B 229 8.15 -23.78 -26.24
N ALA B 230 9.08 -22.84 -26.13
CA ALA B 230 9.52 -22.33 -24.83
C ALA B 230 8.36 -21.68 -24.09
N PRO B 231 8.10 -22.03 -22.83
CA PRO B 231 7.09 -21.32 -22.04
C PRO B 231 7.61 -19.96 -21.57
N ARG B 232 6.68 -19.15 -21.05
CA ARG B 232 7.02 -17.89 -20.43
C ARG B 232 6.33 -17.79 -19.06
N ILE B 233 6.84 -16.90 -18.22
CA ILE B 233 6.18 -16.57 -16.95
C ILE B 233 5.43 -15.26 -17.12
N VAL B 234 4.15 -15.26 -16.73
CA VAL B 234 3.31 -14.08 -16.78
C VAL B 234 2.76 -13.81 -15.38
N VAL B 235 2.77 -12.55 -15.00
CA VAL B 235 2.33 -12.07 -13.69
C VAL B 235 1.48 -10.84 -13.94
N ILE B 236 0.23 -10.85 -13.47
CA ILE B 236 -0.72 -9.76 -13.68
C ILE B 236 -1.38 -9.45 -12.35
N TYR B 237 -1.34 -8.18 -11.94
CA TYR B 237 -1.99 -7.74 -10.71
C TYR B 237 -2.89 -6.55 -11.00
N LEU B 238 -4.00 -6.49 -10.31
CA LEU B 238 -4.93 -5.36 -10.36
C LEU B 238 -5.31 -5.01 -8.94
N THR B 239 -5.29 -3.72 -8.61
CA THR B 239 -5.79 -3.32 -7.30
C THR B 239 -6.35 -1.91 -7.36
N GLY B 240 -7.27 -1.62 -6.45
CA GLY B 240 -7.81 -0.27 -6.30
C GLY B 240 -8.95 0.10 -7.22
N SER B 241 -9.67 -0.85 -7.80
CA SER B 241 -10.80 -0.58 -8.67
C SER B 241 -12.10 -0.91 -7.95
N LYS B 242 -13.22 -0.61 -8.61
CA LYS B 242 -14.53 -1.01 -8.11
C LYS B 242 -15.15 -2.14 -8.94
N ALA B 243 -14.35 -2.82 -9.75
CA ALA B 243 -14.83 -3.94 -10.53
C ALA B 243 -15.22 -5.11 -9.64
N ASP B 244 -16.33 -5.78 -9.98
CA ASP B 244 -16.67 -7.01 -9.28
C ASP B 244 -15.79 -8.15 -9.78
N MET B 245 -15.89 -9.31 -9.13
CA MET B 245 -15.01 -10.42 -9.48
C MET B 245 -15.06 -10.74 -10.97
N ALA B 246 -16.26 -10.76 -11.55
CA ALA B 246 -16.37 -11.14 -12.96
C ALA B 246 -15.66 -10.15 -13.88
N GLU B 247 -15.72 -8.83 -13.58
CA GLU B 247 -14.98 -7.88 -14.43
C GLU B 247 -13.47 -8.01 -14.23
N ARG B 248 -13.03 -8.23 -12.99
CA ARG B 248 -11.61 -8.49 -12.75
C ARG B 248 -11.15 -9.70 -13.55
N ASN B 249 -11.96 -10.75 -13.54
CA ASN B 249 -11.65 -11.94 -14.31
C ASN B 249 -11.53 -11.62 -15.78
N LYS B 250 -12.54 -10.90 -16.32
CA LYS B 250 -12.55 -10.53 -17.72
C LYS B 250 -11.32 -9.70 -18.09
N ALA B 251 -10.96 -8.76 -17.23
CA ALA B 251 -9.80 -7.91 -17.54
C ALA B 251 -8.55 -8.75 -17.66
N ILE B 252 -8.34 -9.70 -16.74
CA ILE B 252 -7.15 -10.54 -16.78
C ILE B 252 -7.19 -11.44 -18.02
N ALA B 253 -8.36 -12.00 -18.35
CA ALA B 253 -8.50 -12.82 -19.55
C ALA B 253 -8.18 -12.01 -20.80
N GLU B 254 -8.61 -10.75 -20.86
CA GLU B 254 -8.31 -9.92 -22.03
C GLU B 254 -6.80 -9.70 -22.18
N ILE B 255 -6.11 -9.43 -21.08
CA ILE B 255 -4.67 -9.28 -21.13
C ILE B 255 -4.02 -10.58 -21.58
N GLY B 256 -4.45 -11.72 -21.02
CA GLY B 256 -3.93 -12.99 -21.47
C GLY B 256 -4.15 -13.22 -22.96
N ALA B 257 -5.37 -12.95 -23.43
CA ALA B 257 -5.64 -13.06 -24.86
C ALA B 257 -4.67 -12.21 -25.67
N ALA B 258 -4.41 -10.98 -25.22
CA ALA B 258 -3.54 -10.08 -25.99
C ALA B 258 -2.12 -10.60 -26.05
N LEU B 259 -1.60 -11.09 -24.93
CA LEU B 259 -0.22 -11.55 -24.96
C LEU B 259 -0.10 -12.89 -25.69
N ILE B 260 -1.18 -13.67 -25.71
CA ILE B 260 -1.18 -14.92 -26.48
C ILE B 260 -1.24 -14.64 -27.98
N LYS B 261 -2.05 -13.68 -28.40
CA LYS B 261 -2.15 -13.31 -29.84
C LYS B 261 -0.81 -12.77 -30.34
N HIS B 262 -0.07 -12.07 -29.49
CA HIS B 262 1.20 -11.42 -29.91
C HIS B 262 2.42 -12.17 -29.36
N TRP B 263 2.27 -13.46 -29.08
CA TRP B 263 3.38 -14.26 -28.59
C TRP B 263 4.60 -14.12 -29.51
O1 MES C . 5.24 5.75 -1.80
C2 MES C . 5.10 6.90 -2.61
C3 MES C . 4.20 7.91 -1.95
N4 MES C . 4.25 7.78 -0.47
C5 MES C . 5.62 7.37 -0.03
C6 MES C . 6.01 6.04 -0.64
C7 MES C . 3.86 9.06 0.19
C8 MES C . 2.68 8.91 1.11
S MES C . 2.34 10.37 2.04
O1S MES C . 0.92 10.54 1.99
O2S MES C . 2.81 10.11 3.35
O3S MES C . 3.04 11.44 1.40
H21 MES C . 5.98 7.29 -2.77
H22 MES C . 4.73 6.64 -3.47
H31 MES C . 3.29 7.78 -2.24
H32 MES C . 4.48 8.81 -2.21
HN4 MES C . 3.67 7.14 -0.22
H51 MES C . 5.64 7.29 0.94
H52 MES C . 6.26 8.05 -0.30
H61 MES C . 6.95 6.07 -0.88
H62 MES C . 5.87 5.34 0.01
H71 MES C . 3.64 9.73 -0.55
H72 MES C . 4.68 9.42 0.70
H81 MES C . 2.86 8.19 1.75
H82 MES C . 1.88 8.67 0.62
O1 MES D . -14.54 -16.13 -2.88
C2 MES D . -13.67 -15.01 -2.87
C3 MES D . -12.70 -15.08 -4.02
N4 MES D . -11.89 -16.33 -3.92
C5 MES D . -12.81 -17.51 -3.87
C6 MES D . -13.80 -17.33 -2.75
C7 MES D . -10.90 -16.40 -5.05
C8 MES D . -9.97 -17.59 -4.95
S MES D . -8.28 -17.20 -5.33
O1S MES D . -8.29 -16.12 -6.24
O2S MES D . -7.73 -18.38 -5.89
O3S MES D . -7.68 -16.85 -4.08
H21 MES D . -14.19 -14.19 -2.93
H22 MES D . -13.18 -15.01 -2.02
H31 MES D . -12.10 -14.31 -3.99
H32 MES D . -13.17 -15.06 -4.86
HN4 MES D . -11.42 -16.30 -3.15
H51 MES D . -12.28 -18.31 -3.73
H52 MES D . -13.27 -17.57 -4.72
H61 MES D . -14.40 -18.09 -2.74
H62 MES D . -13.31 -17.31 -1.90
H71 MES D . -10.39 -15.53 -5.05
H72 MES D . -11.44 -16.45 -5.92
H81 MES D . -10.24 -18.30 -5.55
H82 MES D . -9.99 -17.96 -4.04
#